data_2XI1
#
_entry.id   2XI1
#
_cell.length_a   123.030
_cell.length_b   123.030
_cell.length_c   130.400
_cell.angle_alpha   90.00
_cell.angle_beta   90.00
_cell.angle_gamma   120.00
#
_symmetry.space_group_name_H-M   'P 63 2 2'
#
loop_
_entity.id
_entity.type
_entity.pdbx_description
1 polymer NEF
2 polymer NEF
#
loop_
_entity_poly.entity_id
_entity_poly.type
_entity_poly.pdbx_seq_one_letter_code
_entity_poly.pdbx_strand_id
1 'polypeptide(L)'
;MGGKWSKSSIVGWPAIRERLRRAQPAAERRRAQPAAEGVGAASQDLGRHGALTSSNTDTTNADEEEEVGFPVRPQVPLRP
MTYKGAVDLSFFLKEKGGLEGLVYSQREKEILDLWVYHTQGYFPDWQCYTPGPGVRYPLTFGWCFKLVPVDPGEVEEATE
GENNCLLHPICQHGMDDDHREVLKWKFDSHLAHTHMARELHPEYFKNC
;
A
2 'polypeptide(L)'
;MGGKWSKSSIVGWPAIRERLRRAQPAAERRRAQPAAEGVGAASQDLGRHGALTSSNTDTTNADEEEEVGFPVRPQVPLRP
MTYKGAVDLSFFLKEKGGLEGLVYSQKRKEILDLWVYHTQGYFPDWQCYTPGPGVRYPLTFGWCFKLVPVDPGEVEEATE
GENNCLLHPICQHGMDDDHREVLKWKFDSHLAHTHMARELHPEFYKNC
;
B
#
# COMPACT_ATOMS: atom_id res chain seq x y z
N VAL A 76 -9.73 8.39 -3.90
CA VAL A 76 -10.29 7.40 -2.99
C VAL A 76 -9.24 7.02 -1.91
N PRO A 77 -9.70 6.60 -0.70
CA PRO A 77 -8.86 6.08 0.39
C PRO A 77 -7.76 5.08 -0.04
N LEU A 78 -7.14 4.42 0.94
CA LEU A 78 -5.98 3.59 0.65
C LEU A 78 -6.20 2.13 1.00
N ARG A 79 -5.89 1.26 0.05
CA ARG A 79 -6.19 -0.15 0.18
C ARG A 79 -5.11 -0.96 -0.54
N PRO A 80 -5.01 -2.25 -0.20
CA PRO A 80 -4.02 -3.17 -0.75
C PRO A 80 -4.56 -3.76 -2.03
N MET A 81 -3.69 -4.15 -2.93
CA MET A 81 -4.15 -4.88 -4.11
C MET A 81 -4.77 -6.20 -3.70
N THR A 82 -5.87 -6.58 -4.35
CA THR A 82 -6.48 -7.87 -4.14
C THR A 82 -6.70 -8.50 -5.49
N TYR A 83 -6.66 -9.83 -5.55
CA TYR A 83 -6.91 -10.53 -6.80
C TYR A 83 -8.15 -10.01 -7.49
N LYS A 84 -9.26 -9.96 -6.76
CA LYS A 84 -10.49 -9.36 -7.28
C LYS A 84 -10.18 -8.07 -7.99
N GLY A 85 -9.47 -7.20 -7.27
CA GLY A 85 -9.12 -5.89 -7.76
C GLY A 85 -8.15 -5.99 -8.92
N ALA A 86 -7.10 -6.78 -8.75
CA ALA A 86 -6.08 -6.90 -9.77
C ALA A 86 -6.69 -7.18 -11.12
N VAL A 87 -7.63 -8.12 -11.14
CA VAL A 87 -8.29 -8.55 -12.37
C VAL A 87 -9.06 -7.45 -13.04
N ASP A 88 -9.98 -6.87 -12.29
CA ASP A 88 -10.69 -5.74 -12.81
C ASP A 88 -9.72 -4.67 -13.35
N LEU A 89 -8.65 -4.40 -12.60
CA LEU A 89 -7.67 -3.47 -13.11
C LEU A 89 -7.12 -3.91 -14.44
N SER A 90 -6.58 -5.12 -14.49
CA SER A 90 -5.97 -5.62 -15.70
C SER A 90 -6.88 -5.25 -16.84
N PHE A 91 -8.17 -5.43 -16.63
CA PHE A 91 -9.12 -5.05 -17.65
C PHE A 91 -9.01 -3.57 -17.93
N PHE A 92 -9.47 -2.77 -16.98
CA PHE A 92 -9.51 -1.33 -17.17
C PHE A 92 -8.45 -0.81 -18.13
N LEU A 93 -7.18 -1.13 -17.83
CA LEU A 93 -6.06 -0.55 -18.56
C LEU A 93 -6.02 -1.00 -19.99
N LYS A 94 -6.00 -2.31 -20.18
CA LYS A 94 -6.21 -2.84 -21.52
C LYS A 94 -7.35 -2.04 -22.14
N GLU A 95 -8.55 -2.42 -21.74
CA GLU A 95 -9.79 -1.93 -22.33
C GLU A 95 -9.83 -0.44 -22.64
N LYS A 96 -9.18 0.37 -21.80
CA LYS A 96 -9.26 1.80 -22.00
C LYS A 96 -7.87 2.38 -22.07
N GLY A 97 -7.09 1.99 -23.06
CA GLY A 97 -5.82 2.66 -23.22
C GLY A 97 -4.59 1.80 -23.40
N GLY A 98 -3.50 2.48 -23.73
CA GLY A 98 -2.29 1.86 -24.22
C GLY A 98 -1.21 1.61 -23.18
N LEU A 99 -1.30 0.46 -22.56
CA LEU A 99 -0.22 -0.09 -21.80
C LEU A 99 0.27 -1.19 -22.70
N GLU A 100 -0.71 -1.86 -23.30
CA GLU A 100 -0.42 -2.99 -24.17
C GLU A 100 0.69 -2.64 -25.15
N GLY A 101 1.73 -3.47 -25.15
CA GLY A 101 2.86 -3.32 -26.05
C GLY A 101 3.72 -2.12 -25.74
N LEU A 102 3.70 -1.67 -24.49
CA LEU A 102 4.47 -0.51 -24.11
C LEU A 102 5.81 -1.01 -23.66
N VAL A 103 6.90 -0.52 -24.26
CA VAL A 103 8.21 -0.97 -23.83
C VAL A 103 8.34 -0.83 -22.33
N TYR A 104 8.80 -1.87 -21.68
CA TYR A 104 8.97 -1.85 -20.25
C TYR A 104 10.24 -1.11 -19.87
N SER A 105 10.25 -0.60 -18.64
CA SER A 105 11.33 0.19 -18.11
C SER A 105 11.10 0.32 -16.62
N GLN A 106 12.17 0.63 -15.88
CA GLN A 106 12.01 0.79 -14.46
C GLN A 106 11.01 1.88 -14.13
N ARG A 107 11.38 3.13 -14.45
CA ARG A 107 10.52 4.27 -14.18
C ARG A 107 9.13 4.05 -14.74
N GLU A 108 9.04 3.71 -16.03
CA GLU A 108 7.74 3.51 -16.65
C GLU A 108 6.87 2.63 -15.72
N LYS A 109 7.46 1.57 -15.17
CA LYS A 109 6.74 0.79 -14.17
C LYS A 109 6.28 1.68 -13.02
N GLU A 110 7.24 2.05 -12.19
CA GLU A 110 7.04 2.94 -11.05
C GLU A 110 5.94 3.97 -11.27
N ILE A 111 6.15 4.90 -12.21
CA ILE A 111 5.09 5.82 -12.65
C ILE A 111 3.73 5.14 -12.62
N LEU A 112 3.60 4.13 -13.47
CA LEU A 112 2.43 3.28 -13.52
C LEU A 112 1.87 2.95 -12.13
N ASP A 113 2.72 2.40 -11.27
CA ASP A 113 2.35 2.12 -9.89
C ASP A 113 1.57 3.25 -9.29
N LEU A 114 2.23 4.40 -9.20
CA LEU A 114 1.65 5.55 -8.54
C LEU A 114 0.36 5.87 -9.21
N TRP A 115 0.46 6.10 -10.51
CA TRP A 115 -0.71 6.34 -11.30
C TRP A 115 -1.85 5.47 -10.76
N VAL A 116 -1.76 4.17 -10.96
CA VAL A 116 -2.76 3.28 -10.41
C VAL A 116 -3.17 3.72 -9.02
N TYR A 117 -2.17 3.99 -8.18
CA TYR A 117 -2.44 4.41 -6.83
C TYR A 117 -3.31 5.65 -6.79
N HIS A 118 -2.75 6.78 -7.19
CA HIS A 118 -3.54 7.99 -7.21
C HIS A 118 -4.93 7.66 -7.79
N THR A 119 -4.94 6.90 -8.88
CA THR A 119 -6.18 6.54 -9.54
C THR A 119 -7.11 5.69 -8.71
N GLN A 120 -6.56 4.76 -7.95
CA GLN A 120 -7.38 3.73 -7.33
C GLN A 120 -6.93 3.31 -5.95
N GLY A 121 -6.10 4.12 -5.32
CA GLY A 121 -5.75 3.90 -3.93
C GLY A 121 -5.15 2.55 -3.61
N TYR A 122 -4.58 1.88 -4.60
CA TYR A 122 -3.89 0.66 -4.28
C TYR A 122 -2.48 1.00 -3.82
N PHE A 123 -2.14 0.62 -2.59
CA PHE A 123 -0.76 0.68 -2.17
C PHE A 123 0.07 0.02 -3.23
N PRO A 124 1.05 0.75 -3.77
CA PRO A 124 1.92 0.33 -4.86
C PRO A 124 2.95 -0.67 -4.39
N ASP A 125 2.50 -1.86 -4.05
CA ASP A 125 3.40 -2.94 -3.64
C ASP A 125 2.79 -4.24 -4.10
N TRP A 126 2.66 -4.39 -5.42
CA TRP A 126 1.97 -5.52 -6.01
C TRP A 126 2.39 -5.70 -7.45
N GLN A 127 3.01 -4.65 -8.00
CA GLN A 127 3.56 -4.70 -9.35
C GLN A 127 4.99 -5.30 -9.40
N CYS A 128 5.10 -6.63 -9.33
CA CYS A 128 6.40 -7.31 -9.36
C CYS A 128 6.31 -8.44 -10.40
N TYR A 129 7.39 -8.71 -11.14
CA TYR A 129 7.38 -9.89 -12.04
C TYR A 129 8.56 -10.84 -11.80
N THR A 130 8.44 -12.08 -12.25
CA THR A 130 9.51 -13.06 -12.10
C THR A 130 10.79 -12.63 -12.85
N PRO A 131 11.96 -13.16 -12.46
CA PRO A 131 13.19 -12.64 -13.03
C PRO A 131 13.47 -13.18 -14.42
N GLY A 132 14.41 -12.53 -15.10
CA GLY A 132 14.84 -12.91 -16.43
C GLY A 132 15.48 -14.27 -16.38
N PRO A 133 15.65 -14.90 -17.55
CA PRO A 133 15.45 -14.36 -18.90
C PRO A 133 14.01 -14.52 -19.41
N GLY A 134 13.80 -14.23 -20.69
CA GLY A 134 12.55 -14.52 -21.36
C GLY A 134 11.33 -13.84 -20.78
N VAL A 135 10.18 -14.53 -20.78
CA VAL A 135 8.95 -13.94 -20.30
C VAL A 135 8.90 -13.73 -18.78
N ARG A 136 8.50 -12.52 -18.41
CA ARG A 136 8.43 -12.17 -17.02
C ARG A 136 7.00 -12.26 -16.56
N TYR A 137 6.76 -13.06 -15.53
CA TYR A 137 5.39 -13.26 -15.11
C TYR A 137 5.00 -12.46 -13.88
N PRO A 138 3.83 -11.82 -13.93
CA PRO A 138 3.45 -10.96 -12.83
C PRO A 138 3.44 -11.80 -11.60
N LEU A 139 3.96 -11.25 -10.51
CA LEU A 139 4.03 -11.96 -9.25
C LEU A 139 2.65 -12.19 -8.68
N THR A 140 1.84 -11.15 -8.78
CA THR A 140 0.53 -11.10 -8.16
C THR A 140 -0.53 -11.80 -8.98
N PHE A 141 -1.16 -12.78 -8.38
CA PHE A 141 -2.14 -13.54 -9.12
C PHE A 141 -3.31 -12.65 -9.44
N GLY A 142 -3.69 -12.58 -10.71
CA GLY A 142 -4.84 -11.80 -11.08
C GLY A 142 -4.49 -10.48 -11.75
N TRP A 143 -3.21 -10.14 -11.73
CA TRP A 143 -2.73 -9.04 -12.56
C TRP A 143 -2.29 -9.67 -13.85
N CYS A 144 -2.99 -9.29 -14.91
CA CYS A 144 -2.90 -10.02 -16.17
C CYS A 144 -2.04 -9.34 -17.20
N PHE A 145 -0.82 -9.03 -16.82
CA PHE A 145 0.14 -8.53 -17.76
C PHE A 145 1.42 -9.22 -17.50
N LYS A 146 2.15 -9.50 -18.56
CA LYS A 146 3.48 -10.04 -18.43
C LYS A 146 4.35 -9.15 -19.24
N LEU A 147 5.63 -9.49 -19.24
CA LEU A 147 6.62 -8.70 -19.94
C LEU A 147 7.35 -9.64 -20.84
N VAL A 148 7.16 -9.47 -22.13
CA VAL A 148 7.81 -10.31 -23.11
C VAL A 148 9.03 -9.60 -23.67
N PRO A 149 9.91 -10.34 -24.34
CA PRO A 149 11.08 -9.77 -25.02
C PRO A 149 10.70 -9.33 -26.41
N VAL A 150 11.61 -8.70 -27.16
CA VAL A 150 11.24 -7.98 -28.40
C VAL A 150 11.49 -8.69 -29.75
N ASP A 151 12.64 -9.36 -29.89
CA ASP A 151 13.00 -10.02 -31.16
C ASP A 151 12.17 -11.27 -31.45
N GLU A 181 18.19 -7.40 -22.61
CA GLU A 181 16.97 -7.97 -23.16
C GLU A 181 15.90 -6.93 -23.00
N VAL A 182 15.07 -6.73 -24.03
CA VAL A 182 14.09 -5.65 -24.00
C VAL A 182 12.67 -6.18 -23.85
N LEU A 183 11.92 -5.61 -22.90
CA LEU A 183 10.61 -6.14 -22.55
C LEU A 183 9.47 -5.19 -22.92
N LYS A 184 8.37 -5.77 -23.41
CA LYS A 184 7.15 -5.03 -23.69
C LYS A 184 6.03 -5.58 -22.81
N TRP A 185 5.19 -4.68 -22.32
CA TRP A 185 4.02 -5.06 -21.54
C TRP A 185 3.08 -5.78 -22.48
N LYS A 186 2.56 -6.94 -22.06
CA LYS A 186 1.50 -7.65 -22.80
C LYS A 186 0.40 -8.13 -21.90
N PHE A 187 -0.83 -8.04 -22.38
CA PHE A 187 -1.97 -8.52 -21.63
C PHE A 187 -2.21 -9.96 -21.99
N ASP A 188 -2.63 -10.75 -21.01
CA ASP A 188 -2.96 -12.14 -21.21
C ASP A 188 -3.98 -12.52 -20.15
N SER A 189 -5.19 -12.87 -20.58
CA SER A 189 -6.30 -13.07 -19.64
C SER A 189 -6.29 -14.42 -18.94
N HIS A 190 -5.32 -15.27 -19.26
CA HIS A 190 -5.30 -16.59 -18.64
C HIS A 190 -4.54 -16.56 -17.34
N LEU A 191 -3.77 -15.51 -17.13
CA LEU A 191 -3.04 -15.35 -15.89
C LEU A 191 -4.03 -14.99 -14.82
N ALA A 192 -5.29 -14.87 -15.23
CA ALA A 192 -6.37 -14.76 -14.29
C ALA A 192 -6.59 -16.15 -13.72
N HIS A 193 -6.39 -17.16 -14.57
CA HIS A 193 -6.66 -18.56 -14.24
C HIS A 193 -5.42 -19.27 -13.75
N THR A 194 -4.28 -18.99 -14.36
CA THR A 194 -3.05 -19.67 -13.97
C THR A 194 -2.11 -18.69 -13.31
N HIS A 195 -1.59 -19.07 -12.15
CA HIS A 195 -0.72 -18.17 -11.41
C HIS A 195 0.72 -18.49 -11.72
N MET A 196 1.08 -18.32 -12.98
CA MET A 196 2.35 -18.83 -13.51
C MET A 196 3.51 -18.59 -12.59
N ALA A 197 3.64 -17.33 -12.16
CA ALA A 197 4.65 -16.93 -11.21
C ALA A 197 4.81 -17.97 -10.11
N ARG A 198 3.73 -18.68 -9.81
CA ARG A 198 3.79 -19.67 -8.76
C ARG A 198 4.47 -21.00 -9.15
N GLU A 199 4.03 -21.72 -10.20
CA GLU A 199 4.73 -23.00 -10.47
C GLU A 199 6.18 -22.68 -10.80
N LEU A 200 6.39 -21.65 -11.60
CA LEU A 200 7.74 -21.30 -11.99
C LEU A 200 8.66 -21.09 -10.80
N HIS A 201 8.13 -20.49 -9.74
CA HIS A 201 8.96 -20.04 -8.65
C HIS A 201 8.27 -20.06 -7.28
N PRO A 202 7.94 -21.24 -6.77
CA PRO A 202 7.12 -21.29 -5.56
C PRO A 202 7.87 -20.79 -4.35
N GLU A 203 9.18 -20.60 -4.53
CA GLU A 203 10.05 -20.24 -3.44
C GLU A 203 9.58 -18.98 -2.75
N TYR A 204 9.39 -17.93 -3.51
CA TYR A 204 8.91 -16.68 -2.93
C TYR A 204 7.70 -16.97 -2.08
N PHE A 205 6.66 -17.48 -2.72
CA PHE A 205 5.45 -17.86 -2.03
C PHE A 205 5.72 -19.00 -1.02
N VAL B 76 -5.79 23.04 0.68
CA VAL B 76 -5.98 23.21 2.12
C VAL B 76 -4.70 23.79 2.74
N PRO B 77 -4.82 24.44 3.92
CA PRO B 77 -3.66 25.04 4.58
C PRO B 77 -2.57 24.02 4.85
N LEU B 78 -1.44 24.48 5.38
CA LEU B 78 -0.43 23.57 5.89
C LEU B 78 -0.45 23.65 7.40
N ARG B 79 -1.32 22.87 8.01
CA ARG B 79 -1.38 22.78 9.46
C ARG B 79 -0.40 21.70 9.85
N PRO B 80 0.11 21.76 11.09
CA PRO B 80 0.76 20.62 11.74
C PRO B 80 -0.31 19.80 12.43
N MET B 81 -0.06 18.51 12.63
CA MET B 81 -1.08 17.66 13.27
C MET B 81 -1.55 18.12 14.63
N THR B 82 -2.87 18.06 14.81
CA THR B 82 -3.56 18.45 16.04
C THR B 82 -4.36 17.25 16.59
N TYR B 83 -4.41 17.11 17.91
CA TYR B 83 -5.13 16.02 18.56
C TYR B 83 -6.51 15.87 17.96
N LYS B 84 -7.30 16.94 18.03
CA LYS B 84 -8.62 16.92 17.44
C LYS B 84 -8.54 16.22 16.06
N GLY B 85 -7.71 16.74 15.16
CA GLY B 85 -7.56 16.13 13.85
C GLY B 85 -7.21 14.65 13.90
N ALA B 86 -6.15 14.34 14.62
CA ALA B 86 -5.66 12.95 14.72
C ALA B 86 -6.75 12.02 15.19
N VAL B 87 -7.86 12.60 15.66
CA VAL B 87 -8.99 11.83 16.12
C VAL B 87 -10.01 11.70 15.01
N ASP B 88 -10.56 12.83 14.59
CA ASP B 88 -11.50 12.85 13.46
C ASP B 88 -10.98 12.03 12.29
N LEU B 89 -9.72 12.24 11.93
CA LEU B 89 -9.11 11.44 10.91
C LEU B 89 -9.16 10.01 11.36
N SER B 90 -8.63 9.78 12.56
CA SER B 90 -8.58 8.45 13.17
C SER B 90 -9.87 7.68 12.95
N PHE B 91 -10.97 8.22 13.48
CA PHE B 91 -12.26 7.57 13.33
C PHE B 91 -12.50 7.28 11.87
N PHE B 92 -12.56 8.35 11.09
CA PHE B 92 -12.78 8.24 9.66
C PHE B 92 -12.24 6.95 9.06
N LEU B 93 -10.94 6.74 9.20
CA LEU B 93 -10.27 5.62 8.58
C LEU B 93 -10.73 4.25 9.10
N LYS B 94 -11.48 4.25 10.19
CA LYS B 94 -12.19 3.04 10.56
C LYS B 94 -13.49 3.01 9.76
N GLU B 95 -14.46 3.83 10.18
CA GLU B 95 -15.78 3.84 9.56
C GLU B 95 -15.71 3.78 8.04
N LYS B 96 -15.16 4.82 7.42
CA LYS B 96 -14.95 4.78 5.98
C LYS B 96 -13.60 4.21 5.69
N GLY B 97 -13.42 3.68 4.48
CA GLY B 97 -12.13 3.14 4.07
C GLY B 97 -11.70 1.96 4.93
N GLY B 98 -10.44 1.56 4.75
CA GLY B 98 -9.92 0.41 5.45
C GLY B 98 -8.45 0.48 5.81
N LEU B 99 -8.19 0.93 7.03
CA LEU B 99 -6.84 0.89 7.58
C LEU B 99 -6.88 -0.25 8.59
N GLU B 100 -8.08 -0.49 9.09
CA GLU B 100 -8.33 -1.57 10.03
C GLU B 100 -7.67 -2.88 9.63
N GLY B 101 -6.94 -3.46 10.55
CA GLY B 101 -6.35 -4.78 10.36
C GLY B 101 -5.53 -4.88 9.09
N LEU B 102 -5.37 -3.76 8.40
CA LEU B 102 -4.50 -3.71 7.25
C LEU B 102 -3.12 -4.10 7.71
N VAL B 103 -2.23 -4.44 6.80
CA VAL B 103 -0.95 -4.93 7.26
C VAL B 103 0.17 -3.94 7.11
N TYR B 104 0.76 -3.56 8.24
CA TYR B 104 1.78 -2.52 8.25
C TYR B 104 2.99 -2.83 7.40
N SER B 105 3.56 -1.78 6.84
CA SER B 105 4.75 -1.89 6.03
C SER B 105 5.40 -0.53 6.05
N GLN B 106 6.72 -0.50 6.01
CA GLN B 106 7.36 0.80 5.93
C GLN B 106 6.65 1.69 4.89
N LYS B 107 6.67 1.30 3.61
CA LYS B 107 6.16 2.17 2.55
C LYS B 107 4.69 2.54 2.71
N ARG B 108 3.94 1.67 3.38
CA ARG B 108 2.53 1.94 3.60
C ARG B 108 2.37 3.20 4.45
N LYS B 109 3.05 3.21 5.59
CA LYS B 109 3.08 4.40 6.41
C LYS B 109 3.35 5.55 5.47
N GLU B 110 4.55 5.58 4.89
CA GLU B 110 4.88 6.57 3.88
C GLU B 110 3.62 7.05 3.18
N ILE B 111 2.93 6.11 2.56
CA ILE B 111 1.75 6.46 1.78
C ILE B 111 0.66 7.07 2.64
N LEU B 112 0.36 6.39 3.75
CA LEU B 112 -0.62 6.94 4.67
C LEU B 112 -0.33 8.41 4.85
N ASP B 113 0.85 8.70 5.42
CA ASP B 113 1.39 10.06 5.58
C ASP B 113 1.02 11.01 4.43
N LEU B 114 1.53 10.68 3.25
CA LEU B 114 1.29 11.47 2.06
C LEU B 114 -0.18 11.75 1.89
N TRP B 115 -0.96 10.67 1.88
CA TRP B 115 -2.40 10.78 1.72
C TRP B 115 -2.95 11.78 2.70
N VAL B 116 -2.75 11.47 3.99
CA VAL B 116 -3.20 12.30 5.08
C VAL B 116 -2.96 13.78 4.84
N TYR B 117 -1.82 14.07 4.19
CA TYR B 117 -1.42 15.43 3.85
C TYR B 117 -2.05 15.97 2.58
N HIS B 118 -1.84 15.27 1.48
CA HIS B 118 -2.49 15.62 0.22
C HIS B 118 -4.00 15.56 0.40
N THR B 119 -4.45 15.37 1.63
CA THR B 119 -5.88 15.27 1.91
C THR B 119 -6.39 16.34 2.88
N GLN B 120 -5.76 16.45 4.05
CA GLN B 120 -6.16 17.48 5.01
C GLN B 120 -5.01 18.39 5.43
N GLY B 121 -3.82 18.13 4.90
CA GLY B 121 -2.74 19.09 4.98
C GLY B 121 -1.99 19.15 6.30
N TYR B 122 -1.82 18.02 6.95
CA TYR B 122 -0.97 17.98 8.13
C TYR B 122 0.48 17.62 7.75
N PHE B 123 1.43 18.37 8.28
CA PHE B 123 2.84 18.01 8.11
C PHE B 123 3.11 16.62 8.67
N PRO B 124 3.53 15.70 7.79
CA PRO B 124 3.86 14.30 8.06
C PRO B 124 5.00 14.14 9.05
N ASP B 125 4.69 14.22 10.32
CA ASP B 125 5.70 13.97 11.33
C ASP B 125 5.04 13.49 12.60
N TRP B 126 3.82 13.01 12.45
CA TRP B 126 3.01 12.57 13.58
C TRP B 126 2.90 11.05 13.64
N GLN B 127 2.81 10.43 12.47
CA GLN B 127 2.80 8.98 12.42
C GLN B 127 4.19 8.48 12.85
N CYS B 128 4.42 8.52 14.15
CA CYS B 128 5.58 7.88 14.77
C CYS B 128 4.97 6.90 15.77
N TYR B 129 5.53 5.71 15.89
CA TYR B 129 5.06 4.74 16.89
C TYR B 129 6.19 4.27 17.83
N THR B 130 5.82 3.66 18.96
CA THR B 130 6.79 3.12 19.90
C THR B 130 7.64 2.07 19.19
N PRO B 131 8.82 1.76 19.73
CA PRO B 131 9.60 0.78 18.97
C PRO B 131 9.29 -0.64 19.44
N GLY B 132 9.87 -1.63 18.78
CA GLY B 132 9.64 -3.03 19.11
C GLY B 132 10.05 -3.39 20.52
N PRO B 133 9.69 -4.61 20.96
CA PRO B 133 8.86 -5.60 20.26
C PRO B 133 7.51 -5.70 20.92
N GLY B 134 6.50 -6.16 20.19
CA GLY B 134 5.14 -6.20 20.72
C GLY B 134 4.28 -5.11 20.12
N VAL B 135 3.21 -4.72 20.81
CA VAL B 135 2.33 -3.70 20.27
C VAL B 135 3.01 -2.35 20.20
N ARG B 136 2.89 -1.71 19.04
CA ARG B 136 3.45 -0.39 18.82
C ARG B 136 2.36 0.66 19.01
N TYR B 137 2.57 1.54 19.98
CA TYR B 137 1.60 2.59 20.26
C TYR B 137 1.98 3.88 19.56
N PRO B 138 0.97 4.66 19.15
CA PRO B 138 1.28 5.85 18.38
C PRO B 138 1.79 6.87 19.36
N LEU B 139 2.67 7.74 18.88
CA LEU B 139 3.25 8.76 19.71
C LEU B 139 2.28 9.91 19.79
N THR B 140 1.70 10.23 18.63
CA THR B 140 0.74 11.33 18.51
C THR B 140 -0.59 11.07 19.23
N PHE B 141 -0.85 11.86 20.26
CA PHE B 141 -2.02 11.63 21.08
C PHE B 141 -3.30 12.03 20.39
N GLY B 142 -4.20 11.08 20.21
CA GLY B 142 -5.45 11.36 19.53
C GLY B 142 -5.58 10.54 18.28
N TRP B 143 -4.44 10.07 17.77
CA TRP B 143 -4.38 9.13 16.66
C TRP B 143 -4.58 7.75 17.25
N CYS B 144 -5.65 7.08 16.83
CA CYS B 144 -6.09 5.86 17.51
C CYS B 144 -5.90 4.62 16.67
N PHE B 145 -4.66 4.35 16.28
CA PHE B 145 -4.31 3.12 15.60
C PHE B 145 -3.01 2.63 16.19
N LYS B 146 -2.94 1.33 16.47
CA LYS B 146 -1.71 0.77 16.96
C LYS B 146 -1.27 -0.34 16.04
N LEU B 147 -0.04 -0.78 16.19
CA LEU B 147 0.44 -1.87 15.37
C LEU B 147 0.63 -3.06 16.27
N VAL B 148 -0.07 -4.14 15.95
CA VAL B 148 -0.01 -5.34 16.77
C VAL B 148 0.56 -6.48 15.97
N PRO B 149 1.37 -7.33 16.60
CA PRO B 149 1.94 -8.45 15.87
C PRO B 149 0.89 -9.49 15.51
N VAL B 150 1.12 -10.23 14.42
CA VAL B 150 0.19 -11.28 14.00
C VAL B 150 0.82 -12.66 14.06
N GLU B 181 9.92 -9.04 11.45
CA GLU B 181 8.73 -9.42 12.18
C GLU B 181 7.49 -8.62 11.74
N VAL B 182 6.29 -9.14 12.00
CA VAL B 182 5.06 -8.61 11.35
C VAL B 182 4.05 -7.87 12.21
N LEU B 183 3.45 -6.83 11.63
CA LEU B 183 2.45 -5.99 12.31
C LEU B 183 1.25 -5.63 11.44
N LYS B 184 0.08 -5.53 12.05
CA LYS B 184 -1.10 -5.02 11.37
C LYS B 184 -1.65 -3.81 12.08
N TRP B 185 -2.16 -2.88 11.29
CA TRP B 185 -2.80 -1.69 11.82
C TRP B 185 -4.12 -2.02 12.51
N LYS B 186 -4.32 -1.47 13.70
CA LYS B 186 -5.57 -1.68 14.44
C LYS B 186 -6.06 -0.41 15.09
N PHE B 187 -7.35 -0.14 14.93
CA PHE B 187 -8.03 0.99 15.55
C PHE B 187 -8.33 0.72 17.02
N ASP B 188 -7.92 1.63 17.89
CA ASP B 188 -8.25 1.53 19.30
C ASP B 188 -8.71 2.89 19.77
N SER B 189 -10.00 3.00 20.08
CA SER B 189 -10.60 4.28 20.45
C SER B 189 -10.08 4.76 21.80
N HIS B 190 -9.62 3.81 22.60
CA HIS B 190 -9.06 4.13 23.90
C HIS B 190 -7.89 5.09 23.75
N LEU B 191 -7.14 4.94 22.66
CA LEU B 191 -5.89 5.62 22.44
C LEU B 191 -6.06 7.13 22.36
N ALA B 192 -7.24 7.61 22.72
CA ALA B 192 -7.52 9.02 22.62
C ALA B 192 -7.76 9.66 23.98
N HIS B 193 -7.63 8.86 25.05
CA HIS B 193 -7.84 9.34 26.41
C HIS B 193 -6.71 8.87 27.28
N THR B 194 -6.05 7.80 26.83
CA THR B 194 -4.89 7.31 27.54
C THR B 194 -3.73 7.48 26.60
N HIS B 195 -2.66 8.13 27.05
CA HIS B 195 -1.49 8.27 26.19
C HIS B 195 -0.47 7.21 26.51
N MET B 196 -0.85 5.97 26.22
CA MET B 196 -0.01 4.81 26.48
C MET B 196 1.38 5.05 25.94
N ALA B 197 1.46 5.61 24.74
CA ALA B 197 2.74 5.84 24.10
C ALA B 197 3.73 6.44 25.09
N ARG B 198 3.31 7.50 25.77
CA ARG B 198 4.16 8.08 26.80
C ARG B 198 4.19 7.24 28.08
N GLU B 199 3.02 6.83 28.53
CA GLU B 199 2.92 6.07 29.76
C GLU B 199 4.13 5.16 29.96
N LEU B 200 4.62 4.55 28.89
CA LEU B 200 5.76 3.64 29.05
C LEU B 200 7.07 4.22 28.55
N HIS B 201 6.97 5.11 27.57
CA HIS B 201 8.18 5.66 26.99
C HIS B 201 8.22 7.16 27.10
N PRO B 202 8.19 7.67 28.34
CA PRO B 202 8.20 9.12 28.51
C PRO B 202 9.55 9.66 28.09
N GLU B 203 10.48 8.75 27.81
CA GLU B 203 11.84 9.11 27.44
C GLU B 203 11.87 9.96 26.18
N PHE B 204 10.85 9.80 25.33
CA PHE B 204 10.78 10.59 24.11
C PHE B 204 10.20 11.96 24.39
N TYR B 205 9.80 12.17 25.64
CA TYR B 205 9.13 13.41 26.05
C TYR B 205 9.95 14.23 27.06
#